data_1JGU
#
_entry.id   1JGU
#
_cell.length_a   68.37
_cell.length_b   48.63
_cell.length_c   69.37
_cell.angle_alpha   90
_cell.angle_beta   106.77
_cell.angle_gamma   90
#
_symmetry.space_group_name_H-M   'P 1 21 1'
#
loop_
_entity.id
_entity.type
_entity.pdbx_description
1 polymer 'Antibody Light Chain'
2 polymer 'Antibody Heavy Chain'
3 non-polymer 'HYDROXIDE ION'
4 non-polymer (2-AMINO-3-PHENYL-BICYCLO[2.2.1]HEPT-2-YL)-PHENYL-METHANONE
5 water water
#
loop_
_entity_poly.entity_id
_entity_poly.type
_entity_poly.pdbx_seq_one_letter_code
_entity_poly.pdbx_strand_id
1 'polypeptide(L)'
;EVVMTQSPLSLPVSLGDQASISCRSSQSLVHSNGNTYLHWYLQKPGQSPKLLIYKVSNRFSGVPDRFSGSGSGTDFTLKI
SRVEAEDLGVYFCSQSTHVPPLTFGAGTKLELKRADAAPTVSIFPPSSEQLTSGGASVVCFLNNFYPKDINVKWKIDGSE
RQNGVLNSWTDQDSKDSTYSMSSTLTLTKDEYERHNSYTCEATHKTSTSPIVKSFNRNEC
;
L
2 'polypeptide(L)'
;EVKLVESRGGLVKPGGSLQLSCAASGFTFSGYAMSWFRLTPEKRLEWVASIYNGFRIHYLDSVKGRFTISSDYARNILYL
QMSTLRSEDTAMYYCSRGDAYSRYFDVWGAGTTVTVSAAKTTAPSVYPLAPVCGDTTGSSVTLGCLVKGYFPEPVTLTWN
SGSLSSGVHTFPAVLQSDLYTLSSSVTVTSSTWPSQSITCNVAHPASSTKVDKKIEP
;
H
#
loop_
_chem_comp.id
_chem_comp.type
_chem_comp.name
_chem_comp.formula
HBC non-polymer (2-AMINO-3-PHENYL-BICYCLO[2.2.1]HEPT-2-YL)-PHENYL-METHANONE 'C20 H21 N O'
OH non-polymer 'HYDROXIDE ION' 'H O -1'
#
# COMPACT_ATOMS: atom_id res chain seq x y z
N GLU A 1 3.04 26.51 -1.08
CA GLU A 1 3.46 25.08 -1.05
C GLU A 1 4.33 24.72 -2.24
N VAL A 2 5.50 24.16 -1.96
CA VAL A 2 6.43 23.76 -3.01
C VAL A 2 6.06 22.35 -3.45
N VAL A 3 5.90 22.16 -4.76
CA VAL A 3 5.56 20.82 -5.26
C VAL A 3 6.83 20.09 -5.69
N MET A 4 6.98 18.85 -5.22
CA MET A 4 8.14 18.05 -5.55
C MET A 4 7.75 16.97 -6.56
N THR A 5 8.40 16.96 -7.70
CA THR A 5 8.10 15.97 -8.74
C THR A 5 9.25 15.00 -8.91
N GLN A 6 9.01 13.71 -8.68
CA GLN A 6 10.05 12.71 -8.84
C GLN A 6 9.83 11.88 -10.10
N SER A 7 10.92 11.51 -10.75
CA SER A 7 10.85 10.70 -11.96
C SER A 7 12.05 9.75 -11.96
N PRO A 8 11.81 8.46 -12.27
CA PRO A 8 10.52 7.85 -12.60
C PRO A 8 9.75 7.46 -11.35
N LEU A 9 8.50 7.05 -11.54
CA LEU A 9 7.65 6.63 -10.42
C LEU A 9 8.05 5.21 -10.05
N SER A 10 8.52 4.48 -11.05
CA SER A 10 8.96 3.10 -10.88
C SER A 10 10.28 2.93 -11.62
N LEU A 11 11.28 2.39 -10.94
CA LEU A 11 12.58 2.20 -11.57
C LEU A 11 13.06 0.77 -11.44
N PRO A 12 12.83 -0.04 -12.48
CA PRO A 12 13.26 -1.45 -12.48
C PRO A 12 14.75 -1.53 -12.76
N VAL A 13 15.49 -2.28 -11.96
CA VAL A 13 16.92 -2.44 -12.18
C VAL A 13 17.33 -3.88 -11.88
N SER A 14 18.56 -4.22 -12.23
CA SER A 14 19.08 -5.54 -11.96
C SER A 14 20.11 -5.35 -10.85
N LEU A 15 20.24 -6.33 -9.97
CA LEU A 15 21.19 -6.24 -8.88
C LEU A 15 22.58 -5.99 -9.46
N GLY A 16 23.28 -5.00 -8.92
CA GLY A 16 24.61 -4.68 -9.41
C GLY A 16 24.61 -3.50 -10.36
N ASP A 17 23.43 -3.11 -10.82
CA ASP A 17 23.31 -1.98 -11.73
C ASP A 17 23.41 -0.65 -10.98
N GLN A 18 23.60 0.41 -11.76
CA GLN A 18 23.66 1.76 -11.22
C GLN A 18 22.23 2.24 -11.33
N ALA A 19 21.81 3.10 -10.40
CA ALA A 19 20.45 3.62 -10.40
C ALA A 19 20.51 5.13 -10.22
N SER A 20 19.62 5.83 -10.89
CA SER A 20 19.59 7.29 -10.80
C SER A 20 18.14 7.76 -10.68
N ILE A 21 17.85 8.54 -9.64
CA ILE A 21 16.51 9.04 -9.39
C ILE A 21 16.49 10.56 -9.40
N SER A 22 15.51 11.13 -10.08
CA SER A 22 15.41 12.59 -10.18
C SER A 22 14.29 13.19 -9.34
N CYS A 23 14.52 14.42 -8.89
CA CYS A 23 13.55 15.15 -8.08
C CYS A 23 13.66 16.64 -8.47
N ARG A 24 12.52 17.25 -8.77
CA ARG A 24 12.54 18.66 -9.13
C ARG A 24 11.46 19.42 -8.35
N SER A 25 11.82 20.63 -7.91
CA SER A 25 10.91 21.47 -7.15
C SER A 25 10.32 22.56 -8.03
N SER A 26 9.16 23.06 -7.66
CA SER A 26 8.48 24.10 -8.42
C SER A 26 9.18 25.46 -8.24
N GLN A 27 10.05 25.53 -7.24
CA GLN A 27 10.80 26.74 -6.95
C GLN A 27 12.18 26.37 -6.42
N SER A 28 13.15 27.26 -6.60
CA SER A 28 14.50 27.03 -6.11
C SER A 28 14.47 26.73 -4.62
N LEU A 29 15.20 25.70 -4.19
CA LEU A 29 15.24 25.34 -2.78
C LEU A 29 16.38 26.01 -2.02
N VAL A 30 17.05 26.95 -2.69
CA VAL A 30 18.13 27.69 -2.06
C VAL A 30 17.51 28.67 -1.06
N HIS A 31 17.77 28.46 0.22
CA HIS A 31 17.24 29.32 1.28
C HIS A 31 17.97 30.66 1.19
N SER A 32 17.40 31.68 1.83
CA SER A 32 18.03 32.99 1.81
C SER A 32 19.34 32.94 2.61
N ASN A 33 19.50 31.95 3.47
CA ASN A 33 20.72 31.83 4.25
C ASN A 33 21.81 31.09 3.47
N GLY A 34 21.52 30.78 2.21
CA GLY A 34 22.49 30.10 1.38
C GLY A 34 22.43 28.57 1.33
N ASN A 35 21.71 27.96 2.26
CA ASN A 35 21.60 26.50 2.27
C ASN A 35 20.45 26.01 1.42
N THR A 36 20.56 24.76 0.98
CA THR A 36 19.54 24.13 0.15
C THR A 36 19.04 22.92 0.94
N TYR A 37 17.88 23.07 1.56
CA TYR A 37 17.31 22.00 2.37
C TYR A 37 16.56 20.94 1.58
N LEU A 38 17.30 20.18 0.78
CA LEU A 38 16.73 19.10 -0.04
C LEU A 38 17.32 17.80 0.53
N HIS A 39 16.46 16.82 0.81
CA HIS A 39 16.93 15.57 1.41
C HIS A 39 16.30 14.34 0.77
N TRP A 40 16.93 13.19 0.97
CA TRP A 40 16.44 11.94 0.41
C TRP A 40 16.20 10.91 1.52
N TYR A 41 15.04 10.26 1.45
CA TYR A 41 14.65 9.24 2.40
C TYR A 41 14.28 7.96 1.67
N LEU A 42 14.41 6.84 2.37
CA LEU A 42 14.05 5.54 1.83
C LEU A 42 13.08 4.86 2.79
N GLN A 43 11.95 4.39 2.29
CA GLN A 43 11.00 3.69 3.15
C GLN A 43 10.66 2.33 2.56
N LYS A 44 10.83 1.30 3.39
CA LYS A 44 10.55 -0.08 3.00
C LYS A 44 9.22 -0.49 3.62
N PRO A 45 8.55 -1.50 3.03
CA PRO A 45 7.26 -1.98 3.54
C PRO A 45 7.28 -2.27 5.03
N GLY A 46 6.24 -1.82 5.72
CA GLY A 46 6.14 -2.05 7.16
C GLY A 46 7.25 -1.41 7.97
N GLN A 47 7.93 -0.42 7.40
CA GLN A 47 9.03 0.25 8.09
C GLN A 47 8.87 1.77 8.00
N SER A 48 9.49 2.49 8.92
CA SER A 48 9.42 3.95 8.91
C SER A 48 10.47 4.51 7.96
N PRO A 49 10.31 5.77 7.53
CA PRO A 49 11.29 6.35 6.61
C PRO A 49 12.66 6.42 7.26
N LYS A 50 13.70 6.30 6.43
CA LYS A 50 15.07 6.37 6.91
C LYS A 50 15.82 7.43 6.10
N LEU A 51 16.52 8.31 6.81
CA LEU A 51 17.28 9.37 6.16
C LEU A 51 18.53 8.82 5.47
N LEU A 52 18.71 9.19 4.19
CA LEU A 52 19.88 8.77 3.43
C LEU A 52 20.84 9.92 3.16
N ILE A 53 20.30 10.99 2.56
CA ILE A 53 21.10 12.16 2.23
C ILE A 53 20.42 13.44 2.71
N TYR A 54 21.20 14.38 3.24
CA TYR A 54 20.63 15.66 3.67
C TYR A 54 21.37 16.81 3.01
N LYS A 55 20.68 17.95 2.93
CA LYS A 55 21.22 19.12 2.28
C LYS A 55 21.92 18.76 0.97
N VAL A 56 21.16 18.13 0.10
CA VAL A 56 21.58 17.74 -1.24
C VAL A 56 22.62 16.64 -1.40
N SER A 57 23.75 16.78 -0.74
CA SER A 57 24.84 15.82 -0.91
C SER A 57 25.55 15.35 0.34
N ASN A 58 24.95 15.56 1.50
CA ASN A 58 25.59 15.11 2.73
C ASN A 58 25.05 13.74 3.10
N ARG A 59 25.89 12.72 3.02
CA ARG A 59 25.46 11.36 3.35
C ARG A 59 25.34 11.24 4.87
N PHE A 60 24.20 10.74 5.34
CA PHE A 60 23.98 10.60 6.77
C PHE A 60 24.80 9.45 7.37
N SER A 61 25.17 9.57 8.64
CA SER A 61 25.97 8.54 9.32
C SER A 61 25.37 7.14 9.17
N GLY A 62 26.21 6.18 8.81
CA GLY A 62 25.74 4.81 8.65
C GLY A 62 25.27 4.44 7.26
N VAL A 63 25.02 5.44 6.42
CA VAL A 63 24.56 5.20 5.06
C VAL A 63 25.72 4.77 4.17
N PRO A 64 25.58 3.65 3.46
CA PRO A 64 26.64 3.15 2.58
C PRO A 64 27.07 4.19 1.55
N ASP A 65 28.36 4.22 1.23
CA ASP A 65 28.90 5.18 0.28
C ASP A 65 28.39 4.95 -1.15
N ARG A 66 27.63 3.87 -1.34
CA ARG A 66 27.06 3.57 -2.64
C ARG A 66 26.02 4.63 -2.99
N PHE A 67 25.51 5.32 -1.98
CA PHE A 67 24.51 6.38 -2.18
C PHE A 67 25.19 7.75 -2.22
N SER A 68 24.79 8.59 -3.16
CA SER A 68 25.34 9.93 -3.28
C SER A 68 24.30 10.85 -3.88
N GLY A 69 24.30 12.11 -3.45
CA GLY A 69 23.33 13.07 -3.95
C GLY A 69 23.98 14.27 -4.61
N SER A 70 23.24 14.91 -5.52
CA SER A 70 23.75 16.08 -6.22
C SER A 70 22.62 16.92 -6.78
N GLY A 71 22.98 18.02 -7.43
CA GLY A 71 21.98 18.91 -8.00
C GLY A 71 22.03 20.27 -7.35
N SER A 72 21.19 21.18 -7.81
CA SER A 72 21.16 22.52 -7.25
C SER A 72 19.93 23.28 -7.71
N GLY A 73 19.53 24.25 -6.90
CA GLY A 73 18.37 25.06 -7.23
C GLY A 73 17.03 24.33 -7.30
N THR A 74 16.68 23.91 -8.51
CA THR A 74 15.42 23.24 -8.78
C THR A 74 15.53 21.76 -9.19
N ASP A 75 16.74 21.30 -9.50
CA ASP A 75 16.93 19.92 -9.93
C ASP A 75 17.90 19.13 -9.07
N PHE A 76 17.51 17.92 -8.70
CA PHE A 76 18.36 17.08 -7.86
C PHE A 76 18.35 15.62 -8.29
N THR A 77 19.41 14.91 -7.91
CA THR A 77 19.54 13.51 -8.28
C THR A 77 20.16 12.65 -7.20
N LEU A 78 19.56 11.49 -6.99
CA LEU A 78 20.07 10.53 -6.02
C LEU A 78 20.63 9.40 -6.85
N LYS A 79 21.88 9.01 -6.58
CA LYS A 79 22.49 7.93 -7.34
C LYS A 79 22.94 6.78 -6.45
N ILE A 80 22.79 5.56 -6.97
CA ILE A 80 23.22 4.35 -6.26
C ILE A 80 24.23 3.69 -7.21
N SER A 81 25.49 3.62 -6.79
CA SER A 81 26.54 3.07 -7.64
C SER A 81 26.39 1.60 -8.00
N ARG A 82 25.84 0.80 -7.08
CA ARG A 82 25.68 -0.62 -7.33
C ARG A 82 24.55 -1.16 -6.45
N VAL A 83 23.36 -1.26 -7.06
CA VAL A 83 22.17 -1.72 -6.35
C VAL A 83 22.24 -3.10 -5.73
N GLU A 84 21.83 -3.18 -4.47
CA GLU A 84 21.80 -4.43 -3.70
C GLU A 84 20.36 -4.67 -3.27
N ALA A 85 20.02 -5.94 -3.01
CA ALA A 85 18.67 -6.31 -2.62
C ALA A 85 18.13 -5.44 -1.50
N GLU A 86 18.98 -5.12 -0.52
CA GLU A 86 18.57 -4.29 0.61
C GLU A 86 18.13 -2.88 0.22
N ASP A 87 18.51 -2.44 -0.97
CA ASP A 87 18.15 -1.08 -1.43
C ASP A 87 16.74 -0.97 -2.01
N LEU A 88 16.08 -2.10 -2.24
CA LEU A 88 14.74 -2.08 -2.81
C LEU A 88 13.74 -1.42 -1.86
N GLY A 89 12.90 -0.55 -2.42
CA GLY A 89 11.93 0.16 -1.62
C GLY A 89 11.52 1.47 -2.25
N VAL A 90 10.92 2.37 -1.46
CA VAL A 90 10.48 3.65 -1.99
C VAL A 90 11.38 4.80 -1.54
N TYR A 91 11.89 5.54 -2.51
CA TYR A 91 12.76 6.68 -2.25
C TYR A 91 11.98 7.97 -2.37
N PHE A 92 12.05 8.81 -1.34
CA PHE A 92 11.35 10.10 -1.35
C PHE A 92 12.31 11.27 -1.22
N CYS A 93 12.05 12.34 -1.96
CA CYS A 93 12.87 13.53 -1.78
C CYS A 93 11.96 14.44 -0.97
N SER A 94 12.55 15.33 -0.18
CA SER A 94 11.77 16.24 0.62
C SER A 94 12.47 17.58 0.70
N GLN A 95 11.69 18.65 0.80
CA GLN A 95 12.26 19.99 0.89
C GLN A 95 11.78 20.62 2.20
N SER A 96 12.67 21.34 2.86
CA SER A 96 12.32 22.02 4.10
C SER A 96 12.89 23.43 4.07
N THR A 97 13.01 23.98 2.86
CA THR A 97 13.53 25.33 2.66
C THR A 97 12.39 26.34 2.85
N HIS A 98 11.28 26.09 2.16
CA HIS A 98 10.11 26.96 2.22
C HIS A 98 9.06 26.24 3.05
N VAL A 99 8.95 26.64 4.32
CA VAL A 99 8.03 26.00 5.25
C VAL A 99 7.39 26.98 6.24
N PRO A 100 6.19 26.63 6.74
CA PRO A 100 5.46 25.40 6.43
C PRO A 100 4.72 25.54 5.09
N PRO A 101 4.31 24.42 4.49
CA PRO A 101 4.50 23.05 5.01
C PRO A 101 5.70 22.35 4.37
N LEU A 102 6.25 21.37 5.07
CA LEU A 102 7.34 20.57 4.51
C LEU A 102 6.62 19.73 3.46
N THR A 103 7.26 19.48 2.33
CA THR A 103 6.61 18.68 1.30
C THR A 103 7.55 17.61 0.76
N PHE A 104 6.96 16.53 0.23
CA PHE A 104 7.72 15.42 -0.32
C PHE A 104 7.27 15.09 -1.73
N GLY A 105 8.14 14.42 -2.47
CA GLY A 105 7.79 13.99 -3.81
C GLY A 105 6.92 12.75 -3.61
N ALA A 106 6.26 12.28 -4.67
CA ALA A 106 5.38 11.13 -4.57
C ALA A 106 6.15 9.81 -4.39
N GLY A 107 7.47 9.88 -4.51
CA GLY A 107 8.29 8.69 -4.34
C GLY A 107 8.60 7.91 -5.61
N THR A 108 9.73 7.22 -5.58
CA THR A 108 10.19 6.40 -6.70
C THR A 108 10.45 5.02 -6.15
N LYS A 109 9.71 4.04 -6.66
CA LYS A 109 9.86 2.67 -6.20
C LYS A 109 10.96 1.97 -6.99
N LEU A 110 12.00 1.53 -6.30
CA LEU A 110 13.11 0.83 -6.92
C LEU A 110 12.71 -0.63 -6.90
N GLU A 111 12.64 -1.23 -8.08
CA GLU A 111 12.23 -2.62 -8.22
C GLU A 111 13.18 -3.45 -9.10
N LEU A 112 12.89 -4.74 -9.25
CA LEU A 112 13.76 -5.60 -10.03
C LEU A 112 13.26 -5.88 -11.44
N LYS A 113 14.21 -6.06 -12.35
CA LYS A 113 13.89 -6.38 -13.73
C LYS A 113 13.95 -7.90 -13.87
N ARG A 114 13.24 -8.41 -14.86
CA ARG A 114 13.22 -9.83 -15.18
C ARG A 114 12.64 -9.93 -16.58
N ALA A 115 12.61 -11.13 -17.14
CA ALA A 115 12.08 -11.32 -18.48
C ALA A 115 10.58 -11.04 -18.52
N ASP A 116 10.08 -10.58 -19.67
CA ASP A 116 8.66 -10.31 -19.81
C ASP A 116 7.90 -11.61 -19.58
N ALA A 117 6.68 -11.49 -19.06
CA ALA A 117 5.83 -12.65 -18.80
C ALA A 117 4.36 -12.28 -18.98
N ALA A 118 3.65 -13.06 -19.79
CA ALA A 118 2.23 -12.81 -20.03
C ALA A 118 1.46 -13.23 -18.79
N PRO A 119 0.37 -12.52 -18.49
CA PRO A 119 -0.40 -12.89 -17.30
C PRO A 119 -1.26 -14.13 -17.53
N THR A 120 -1.46 -14.90 -16.48
CA THR A 120 -2.33 -16.07 -16.55
C THR A 120 -3.64 -15.52 -15.99
N VAL A 121 -4.66 -15.52 -16.83
CA VAL A 121 -5.97 -14.98 -16.48
C VAL A 121 -6.97 -16.08 -16.15
N SER A 122 -7.68 -15.91 -15.03
CA SER A 122 -8.67 -16.86 -14.57
C SER A 122 -9.92 -16.10 -14.12
N ILE A 123 -11.10 -16.51 -14.57
CA ILE A 123 -12.33 -15.84 -14.18
C ILE A 123 -13.19 -16.75 -13.29
N PHE A 124 -13.94 -16.16 -12.36
CA PHE A 124 -14.77 -16.94 -11.45
C PHE A 124 -16.15 -16.34 -11.27
N PRO A 125 -17.19 -17.17 -11.38
CA PRO A 125 -18.56 -16.71 -11.21
C PRO A 125 -18.91 -16.52 -9.75
N PRO A 126 -20.06 -15.88 -9.47
CA PRO A 126 -20.47 -15.67 -8.08
C PRO A 126 -20.67 -17.06 -7.48
N SER A 127 -20.44 -17.19 -6.18
CA SER A 127 -20.61 -18.48 -5.49
C SER A 127 -22.08 -18.64 -5.08
N SER A 128 -22.48 -19.88 -4.83
CA SER A 128 -23.85 -20.15 -4.42
C SER A 128 -24.13 -19.44 -3.10
N GLU A 129 -23.14 -19.48 -2.21
CA GLU A 129 -23.28 -18.85 -0.92
C GLU A 129 -23.49 -17.33 -1.01
N GLN A 130 -22.72 -16.66 -1.85
CA GLN A 130 -22.89 -15.21 -1.96
C GLN A 130 -24.24 -14.87 -2.58
N LEU A 131 -24.64 -15.62 -3.60
CA LEU A 131 -25.90 -15.38 -4.27
C LEU A 131 -27.08 -15.52 -3.31
N THR A 132 -26.95 -16.45 -2.36
CA THR A 132 -28.01 -16.66 -1.38
C THR A 132 -28.18 -15.41 -0.50
N SER A 133 -27.10 -14.64 -0.39
CA SER A 133 -27.14 -13.42 0.42
C SER A 133 -27.59 -12.21 -0.39
N GLY A 134 -27.83 -12.40 -1.68
CA GLY A 134 -28.28 -11.29 -2.53
C GLY A 134 -27.19 -10.57 -3.30
N GLY A 135 -25.95 -11.04 -3.18
CA GLY A 135 -24.85 -10.39 -3.87
C GLY A 135 -24.28 -11.24 -4.99
N ALA A 136 -23.54 -10.61 -5.90
CA ALA A 136 -22.95 -11.36 -7.01
C ALA A 136 -21.65 -10.71 -7.46
N SER A 137 -20.53 -11.28 -7.00
CA SER A 137 -19.23 -10.77 -7.38
C SER A 137 -18.57 -11.71 -8.38
N VAL A 138 -18.08 -11.17 -9.49
CA VAL A 138 -17.39 -11.95 -10.50
C VAL A 138 -15.93 -11.58 -10.31
N VAL A 139 -15.07 -12.59 -10.15
CA VAL A 139 -13.66 -12.34 -9.91
C VAL A 139 -12.75 -12.79 -11.05
N CYS A 140 -11.73 -11.99 -11.31
CA CYS A 140 -10.75 -12.29 -12.34
C CYS A 140 -9.36 -12.05 -11.78
N PHE A 141 -8.49 -13.05 -11.91
CA PHE A 141 -7.12 -12.91 -11.45
C PHE A 141 -6.23 -12.84 -12.69
N LEU A 142 -5.28 -11.92 -12.66
CA LEU A 142 -4.31 -11.73 -13.74
C LEU A 142 -3.00 -11.94 -12.98
N ASN A 143 -2.48 -13.17 -13.04
CA ASN A 143 -1.30 -13.53 -12.27
C ASN A 143 0.04 -13.71 -12.95
N ASN A 144 1.09 -13.46 -12.15
CA ASN A 144 2.49 -13.63 -12.56
C ASN A 144 2.90 -13.01 -13.90
N PHE A 145 2.68 -11.72 -14.06
CA PHE A 145 3.06 -11.05 -15.30
C PHE A 145 4.19 -10.04 -15.07
N TYR A 146 4.85 -9.66 -16.15
CA TYR A 146 5.92 -8.67 -16.09
C TYR A 146 6.03 -8.05 -17.48
N PRO A 147 6.19 -6.72 -17.57
CA PRO A 147 6.30 -5.69 -16.53
C PRO A 147 4.99 -5.47 -15.77
N LYS A 148 5.05 -4.62 -14.74
CA LYS A 148 3.90 -4.35 -13.88
C LYS A 148 2.70 -3.63 -14.49
N ASP A 149 2.89 -2.94 -15.60
CA ASP A 149 1.80 -2.21 -16.25
C ASP A 149 0.77 -3.13 -16.90
N ILE A 150 -0.49 -2.93 -16.56
CA ILE A 150 -1.55 -3.78 -17.10
C ILE A 150 -2.91 -3.10 -16.95
N ASN A 151 -3.85 -3.49 -17.82
CA ASN A 151 -5.19 -2.95 -17.77
C ASN A 151 -6.21 -4.06 -17.90
N VAL A 152 -7.29 -3.95 -17.14
CA VAL A 152 -8.35 -4.95 -17.19
C VAL A 152 -9.65 -4.28 -17.61
N LYS A 153 -10.43 -4.97 -18.42
CA LYS A 153 -11.71 -4.45 -18.90
C LYS A 153 -12.79 -5.51 -18.74
N TRP A 154 -13.94 -5.12 -18.19
CA TRP A 154 -15.05 -6.04 -18.01
C TRP A 154 -16.14 -5.74 -19.04
N LYS A 155 -16.80 -6.80 -19.48
CA LYS A 155 -17.90 -6.69 -20.44
C LYS A 155 -19.02 -7.59 -19.97
N ILE A 156 -20.24 -7.08 -20.00
CA ILE A 156 -21.42 -7.85 -19.63
C ILE A 156 -22.27 -7.91 -20.90
N ASP A 157 -22.53 -9.13 -21.37
CA ASP A 157 -23.27 -9.32 -22.61
C ASP A 157 -22.63 -8.54 -23.77
N GLY A 158 -21.30 -8.47 -23.77
CA GLY A 158 -20.60 -7.78 -24.84
C GLY A 158 -20.33 -6.30 -24.65
N SER A 159 -21.01 -5.66 -23.71
CA SER A 159 -20.80 -4.23 -23.48
C SER A 159 -19.88 -3.92 -22.31
N GLU A 160 -19.00 -2.94 -22.51
CA GLU A 160 -18.06 -2.52 -21.47
C GLU A 160 -18.81 -2.15 -20.19
N ARG A 161 -18.24 -2.56 -19.06
CA ARG A 161 -18.82 -2.28 -17.77
C ARG A 161 -17.76 -1.65 -16.87
N GLN A 162 -18.00 -0.41 -16.45
CA GLN A 162 -17.04 0.29 -15.60
C GLN A 162 -17.48 0.35 -14.14
N ASN A 163 -18.78 0.45 -13.92
CA ASN A 163 -19.30 0.53 -12.56
C ASN A 163 -19.23 -0.78 -11.77
N GLY A 164 -18.87 -0.68 -10.49
CA GLY A 164 -18.81 -1.84 -9.64
C GLY A 164 -17.53 -2.65 -9.68
N VAL A 165 -16.51 -2.14 -10.35
CA VAL A 165 -15.24 -2.85 -10.44
C VAL A 165 -14.23 -2.33 -9.42
N LEU A 166 -13.62 -3.26 -8.67
CA LEU A 166 -12.62 -2.92 -7.67
C LEU A 166 -11.37 -3.76 -7.93
N ASN A 167 -10.22 -3.11 -7.96
CA ASN A 167 -8.95 -3.78 -8.24
C ASN A 167 -7.95 -3.77 -7.09
N SER A 168 -7.07 -4.77 -7.10
CA SER A 168 -6.03 -4.87 -6.10
C SER A 168 -4.79 -5.46 -6.76
N TRP A 169 -3.62 -4.95 -6.39
CA TRP A 169 -2.35 -5.38 -6.96
C TRP A 169 -1.35 -5.80 -5.88
N THR A 170 -0.60 -6.87 -6.15
CA THR A 170 0.41 -7.34 -5.19
C THR A 170 1.69 -6.58 -5.46
N ASP A 171 2.61 -6.58 -4.48
CA ASP A 171 3.91 -5.95 -4.69
C ASP A 171 4.67 -7.00 -5.49
N GLN A 172 5.79 -6.60 -6.08
CA GLN A 172 6.59 -7.53 -6.88
C GLN A 172 6.95 -8.77 -6.07
N ASP A 173 6.68 -9.94 -6.63
CA ASP A 173 6.95 -11.19 -5.94
C ASP A 173 8.42 -11.32 -5.58
N SER A 174 8.68 -11.59 -4.30
CA SER A 174 10.04 -11.72 -3.80
C SER A 174 10.77 -12.95 -4.32
N LYS A 175 10.02 -13.89 -4.91
CA LYS A 175 10.65 -15.10 -5.41
C LYS A 175 10.84 -15.13 -6.93
N ASP A 176 9.84 -14.71 -7.70
CA ASP A 176 9.99 -14.72 -9.15
C ASP A 176 9.94 -13.34 -9.82
N SER A 177 9.88 -12.28 -9.02
CA SER A 177 9.86 -10.91 -9.52
C SER A 177 8.68 -10.52 -10.42
N THR A 178 7.63 -11.34 -10.42
CA THR A 178 6.47 -11.02 -11.25
C THR A 178 5.47 -10.21 -10.44
N TYR A 179 4.38 -9.81 -11.09
CA TYR A 179 3.32 -9.06 -10.44
C TYR A 179 2.00 -9.78 -10.68
N SER A 180 1.00 -9.48 -9.85
CA SER A 180 -0.30 -10.10 -10.00
C SER A 180 -1.38 -9.07 -9.70
N MET A 181 -2.57 -9.31 -10.25
CA MET A 181 -3.68 -8.40 -10.08
C MET A 181 -4.98 -9.14 -9.87
N SER A 182 -5.85 -8.57 -9.03
CA SER A 182 -7.16 -9.14 -8.79
C SER A 182 -8.19 -8.06 -9.13
N SER A 183 -9.17 -8.41 -9.95
CA SER A 183 -10.23 -7.48 -10.33
C SER A 183 -11.58 -8.11 -10.02
N THR A 184 -12.41 -7.39 -9.28
CA THR A 184 -13.72 -7.89 -8.90
C THR A 184 -14.86 -6.99 -9.35
N LEU A 185 -15.80 -7.58 -10.08
CA LEU A 185 -16.97 -6.86 -10.57
C LEU A 185 -18.12 -7.25 -9.66
N THR A 186 -18.59 -6.32 -8.83
CA THR A 186 -19.69 -6.65 -7.94
C THR A 186 -21.02 -6.08 -8.42
N LEU A 187 -22.02 -6.95 -8.49
CA LEU A 187 -23.37 -6.57 -8.92
C LEU A 187 -24.30 -7.12 -7.87
N THR A 188 -25.59 -6.83 -8.00
CA THR A 188 -26.58 -7.38 -7.08
C THR A 188 -26.96 -8.70 -7.73
N LYS A 189 -27.57 -9.62 -6.98
CA LYS A 189 -27.98 -10.90 -7.56
C LYS A 189 -28.93 -10.61 -8.72
N ASP A 190 -29.81 -9.63 -8.50
CA ASP A 190 -30.79 -9.23 -9.49
C ASP A 190 -30.14 -8.90 -10.84
N GLU A 191 -29.13 -8.02 -10.81
CA GLU A 191 -28.44 -7.62 -12.03
C GLU A 191 -27.72 -8.80 -12.68
N TYR A 192 -27.11 -9.65 -11.86
CA TYR A 192 -26.40 -10.81 -12.37
C TYR A 192 -27.33 -11.75 -13.13
N GLU A 193 -28.53 -11.96 -12.59
CA GLU A 193 -29.50 -12.84 -13.21
C GLU A 193 -30.21 -12.21 -14.41
N ARG A 194 -29.85 -10.97 -14.70
CA ARG A 194 -30.45 -10.24 -15.79
C ARG A 194 -29.61 -10.37 -17.06
N HIS A 195 -28.35 -10.74 -16.90
CA HIS A 195 -27.47 -10.90 -18.05
C HIS A 195 -26.85 -12.29 -18.04
N ASN A 196 -26.18 -12.67 -19.12
CA ASN A 196 -25.63 -14.01 -19.19
C ASN A 196 -24.14 -14.13 -19.52
N SER A 197 -23.62 -13.24 -20.37
CA SER A 197 -22.21 -13.31 -20.75
C SER A 197 -21.33 -12.38 -19.92
N TYR A 198 -20.40 -12.95 -19.17
CA TYR A 198 -19.48 -12.18 -18.33
C TYR A 198 -18.05 -12.37 -18.81
N THR A 199 -17.36 -11.26 -19.04
CA THR A 199 -16.02 -11.29 -19.58
C THR A 199 -15.00 -10.36 -18.93
N CYS A 200 -13.78 -10.83 -18.76
CA CYS A 200 -12.69 -9.99 -18.27
C CYS A 200 -11.59 -10.08 -19.31
N GLU A 201 -11.05 -8.93 -19.69
CA GLU A 201 -10.01 -8.85 -20.71
C GLU A 201 -8.78 -8.15 -20.17
N ALA A 202 -7.61 -8.73 -20.42
CA ALA A 202 -6.37 -8.14 -19.95
C ALA A 202 -5.52 -7.61 -21.09
N THR A 203 -5.06 -6.38 -20.96
CA THR A 203 -4.20 -5.76 -21.96
C THR A 203 -2.82 -5.62 -21.32
N HIS A 204 -1.82 -6.22 -21.95
CA HIS A 204 -0.45 -6.21 -21.44
C HIS A 204 0.50 -6.18 -22.64
N LYS A 205 1.68 -5.58 -22.47
CA LYS A 205 2.63 -5.48 -23.57
C LYS A 205 3.05 -6.79 -24.23
N THR A 206 2.80 -7.92 -23.56
CA THR A 206 3.16 -9.23 -24.12
C THR A 206 2.21 -9.70 -25.21
N SER A 207 1.18 -8.92 -25.50
CA SER A 207 0.21 -9.28 -26.54
C SER A 207 -0.39 -8.03 -27.16
N THR A 208 -0.56 -8.05 -28.48
CA THR A 208 -1.14 -6.90 -29.17
C THR A 208 -2.61 -6.78 -28.82
N SER A 209 -3.29 -7.92 -28.78
CA SER A 209 -4.71 -7.97 -28.45
C SER A 209 -4.87 -8.43 -27.01
N PRO A 210 -5.98 -8.06 -26.36
CA PRO A 210 -6.16 -8.48 -24.97
C PRO A 210 -6.43 -9.98 -24.77
N ILE A 211 -6.04 -10.48 -23.60
CA ILE A 211 -6.26 -11.87 -23.25
C ILE A 211 -7.68 -11.89 -22.69
N VAL A 212 -8.54 -12.71 -23.28
CA VAL A 212 -9.93 -12.77 -22.84
C VAL A 212 -10.35 -14.06 -22.14
N LYS A 213 -11.12 -13.91 -21.07
CA LYS A 213 -11.66 -15.04 -20.32
C LYS A 213 -13.13 -14.71 -20.13
N SER A 214 -13.99 -15.69 -20.33
CA SER A 214 -15.42 -15.46 -20.23
C SER A 214 -16.19 -16.71 -19.85
N PHE A 215 -17.45 -16.51 -19.47
CA PHE A 215 -18.33 -17.62 -19.12
C PHE A 215 -19.77 -17.17 -19.28
N ASN A 216 -20.69 -18.13 -19.35
CA ASN A 216 -22.12 -17.82 -19.45
C ASN A 216 -22.80 -18.31 -18.18
N ARG A 217 -23.49 -17.40 -17.51
CA ARG A 217 -24.18 -17.72 -16.27
C ARG A 217 -25.08 -18.96 -16.31
N ASN A 218 -26.00 -19.01 -17.27
CA ASN A 218 -26.94 -20.12 -17.36
C ASN A 218 -26.30 -21.48 -17.53
N GLU A 219 -24.98 -21.49 -17.73
CA GLU A 219 -24.22 -22.72 -17.87
C GLU A 219 -23.59 -23.02 -16.52
N CYS A 220 -23.62 -22.00 -15.65
CA CYS A 220 -23.09 -22.03 -14.28
C CYS A 220 -21.73 -21.33 -14.16
N GLU B 1 20.16 2.76 23.31
CA GLU B 1 20.38 3.51 22.03
C GLU B 1 19.52 4.76 22.00
N VAL B 2 19.35 5.32 20.81
CA VAL B 2 18.54 6.52 20.62
C VAL B 2 17.31 6.16 19.79
N LYS B 3 16.13 6.41 20.34
CA LYS B 3 14.90 6.09 19.64
C LYS B 3 13.70 6.82 20.18
N LEU B 4 12.58 6.64 19.49
CA LEU B 4 11.30 7.23 19.85
C LEU B 4 10.33 6.08 20.05
N VAL B 5 9.76 6.00 21.25
CA VAL B 5 8.82 4.93 21.60
C VAL B 5 7.41 5.44 21.37
N GLU B 6 6.73 4.90 20.35
CA GLU B 6 5.38 5.35 20.02
C GLU B 6 4.27 4.70 20.82
N SER B 7 3.16 5.42 20.93
CA SER B 7 1.98 4.94 21.64
C SER B 7 1.14 4.11 20.68
N ARG B 8 0.09 3.49 21.20
CA ARG B 8 -0.79 2.69 20.37
C ARG B 8 -1.71 3.61 19.57
N GLY B 9 -2.13 3.17 18.40
CA GLY B 9 -3.02 3.97 17.59
C GLY B 9 -4.44 3.63 18.00
N GLY B 10 -5.34 3.57 17.04
CA GLY B 10 -6.71 3.23 17.37
C GLY B 10 -7.75 3.52 16.29
N LEU B 11 -8.97 3.08 16.56
CA LEU B 11 -10.08 3.27 15.66
C LEU B 11 -11.02 4.29 16.30
N VAL B 12 -11.44 5.27 15.51
CA VAL B 12 -12.33 6.30 16.03
C VAL B 12 -13.37 6.66 14.98
N LYS B 13 -14.55 7.08 15.43
CA LYS B 13 -15.60 7.44 14.50
C LYS B 13 -15.38 8.87 14.03
N PRO B 14 -15.91 9.21 12.85
CA PRO B 14 -15.75 10.56 12.32
C PRO B 14 -16.25 11.58 13.35
N GLY B 15 -15.49 12.65 13.54
CA GLY B 15 -15.87 13.67 14.50
C GLY B 15 -15.31 13.33 15.87
N GLY B 16 -14.78 12.12 16.01
CA GLY B 16 -14.22 11.69 17.28
C GLY B 16 -12.85 12.28 17.56
N SER B 17 -12.25 11.88 18.67
CA SER B 17 -10.94 12.36 19.08
C SER B 17 -10.02 11.22 19.49
N LEU B 18 -8.72 11.44 19.38
CA LEU B 18 -7.72 10.44 19.74
C LEU B 18 -6.37 11.10 19.95
N GLN B 19 -5.61 10.60 20.93
CA GLN B 19 -4.29 11.19 21.17
C GLN B 19 -3.17 10.17 21.01
N LEU B 20 -2.16 10.55 20.23
CA LEU B 20 -1.01 9.69 20.01
C LEU B 20 0.14 10.33 20.78
N SER B 21 1.19 9.55 21.05
CA SER B 21 2.35 10.09 21.76
C SER B 21 3.60 9.28 21.50
N CYS B 22 4.74 9.91 21.74
CA CYS B 22 6.04 9.28 21.58
C CYS B 22 6.98 9.78 22.66
N ALA B 23 7.65 8.84 23.32
CA ALA B 23 8.58 9.16 24.39
C ALA B 23 10.00 9.08 23.86
N ALA B 24 10.81 10.07 24.17
CA ALA B 24 12.19 10.06 23.74
C ALA B 24 12.92 9.03 24.58
N SER B 25 13.89 8.36 23.98
CA SER B 25 14.68 7.35 24.67
C SER B 25 16.14 7.49 24.25
N GLY B 26 16.94 8.10 25.11
CA GLY B 26 18.35 8.27 24.79
C GLY B 26 18.70 9.69 24.39
N PHE B 27 17.72 10.58 24.39
CA PHE B 27 17.96 11.97 24.03
C PHE B 27 16.86 12.90 24.58
N THR B 28 17.06 14.20 24.41
CA THR B 28 16.11 15.19 24.87
C THR B 28 15.62 16.04 23.70
N PHE B 29 14.38 16.49 23.78
CA PHE B 29 13.79 17.29 22.70
C PHE B 29 14.46 18.65 22.59
N SER B 30 15.12 19.06 23.67
CA SER B 30 15.79 20.35 23.70
C SER B 30 16.66 20.50 22.46
N GLY B 31 16.34 21.47 21.62
CA GLY B 31 17.12 21.70 20.42
C GLY B 31 16.57 21.07 19.15
N TYR B 32 15.56 20.20 19.27
CA TYR B 32 14.98 19.54 18.10
C TYR B 32 13.57 20.00 17.77
N ALA B 33 13.22 19.90 16.50
CA ALA B 33 11.88 20.25 16.05
C ALA B 33 11.11 18.93 16.01
N MET B 34 10.50 18.57 17.13
CA MET B 34 9.73 17.34 17.22
C MET B 34 8.51 17.44 16.29
N SER B 35 8.30 16.41 15.47
CA SER B 35 7.22 16.47 14.51
C SER B 35 6.42 15.19 14.32
N TRP B 36 5.32 15.33 13.58
CA TRP B 36 4.46 14.20 13.25
C TRP B 36 4.33 14.16 11.74
N PHE B 37 4.34 12.95 11.18
CA PHE B 37 4.20 12.73 9.76
C PHE B 37 3.18 11.60 9.60
N ARG B 38 2.69 11.40 8.37
CA ARG B 38 1.77 10.30 8.14
C ARG B 38 1.87 9.79 6.71
N LEU B 39 1.70 8.48 6.55
CA LEU B 39 1.71 7.82 5.26
C LEU B 39 0.25 7.53 5.00
N THR B 40 -0.32 8.16 3.99
CA THR B 40 -1.74 7.99 3.67
C THR B 40 -2.03 6.65 3.00
N PRO B 41 -3.31 6.28 2.94
CA PRO B 41 -3.70 5.01 2.32
C PRO B 41 -3.22 4.95 0.88
N GLU B 42 -3.12 6.12 0.24
CA GLU B 42 -2.67 6.22 -1.14
C GLU B 42 -1.15 6.13 -1.23
N LYS B 43 -0.50 5.96 -0.08
CA LYS B 43 0.95 5.83 0.00
C LYS B 43 1.74 7.11 -0.20
N ARG B 44 1.17 8.24 0.20
CA ARG B 44 1.87 9.52 0.11
C ARG B 44 2.38 9.88 1.49
N LEU B 45 3.63 10.30 1.59
CA LEU B 45 4.20 10.70 2.87
C LEU B 45 3.90 12.18 3.06
N GLU B 46 3.19 12.51 4.15
CA GLU B 46 2.84 13.90 4.44
C GLU B 46 3.32 14.39 5.80
N TRP B 47 3.75 15.64 5.85
CA TRP B 47 4.17 16.27 7.08
C TRP B 47 2.87 16.73 7.73
N VAL B 48 2.75 16.55 9.04
CA VAL B 48 1.53 16.94 9.74
C VAL B 48 1.70 18.16 10.63
N ALA B 49 2.74 18.14 11.47
CA ALA B 49 2.98 19.25 12.37
C ALA B 49 4.33 19.15 13.07
N SER B 50 4.79 20.28 13.58
CA SER B 50 6.06 20.36 14.29
C SER B 50 5.96 21.38 15.41
N ILE B 51 6.76 21.17 16.45
CA ILE B 51 6.82 22.08 17.58
C ILE B 51 8.28 22.23 17.96
N TYR B 52 8.79 23.45 17.89
CA TYR B 52 10.17 23.72 18.24
C TYR B 52 10.23 24.66 19.42
N ASN B 53 11.02 24.28 20.42
CA ASN B 53 11.21 25.06 21.63
C ASN B 53 9.94 25.73 22.13
N GLY B 54 8.93 24.92 22.41
CA GLY B 54 7.68 25.44 22.93
C GLY B 54 6.81 26.34 22.08
N PHE B 55 7.37 27.35 21.43
CA PHE B 55 6.53 28.26 20.64
C PHE B 55 6.53 28.18 19.13
N ARG B 56 7.59 27.66 18.52
CA ARG B 56 7.60 27.55 17.07
C ARG B 56 6.75 26.31 16.77
N ILE B 57 5.45 26.54 16.57
CA ILE B 57 4.49 25.47 16.27
C ILE B 57 3.91 25.68 14.89
N HIS B 58 3.83 24.61 14.10
CA HIS B 58 3.30 24.70 12.74
C HIS B 58 2.42 23.50 12.43
N TYR B 59 1.42 23.73 11.58
CA TYR B 59 0.47 22.69 11.21
C TYR B 59 0.19 22.63 9.71
N LEU B 60 -0.16 21.44 9.23
CA LEU B 60 -0.54 21.26 7.83
C LEU B 60 -1.91 21.94 7.78
N ASP B 61 -2.23 22.65 6.70
CA ASP B 61 -3.51 23.34 6.58
C ASP B 61 -4.72 22.46 6.86
N SER B 62 -4.76 21.29 6.23
CA SER B 62 -5.87 20.37 6.39
C SER B 62 -6.16 19.94 7.84
N VAL B 63 -5.23 20.15 8.75
CA VAL B 63 -5.46 19.76 10.14
C VAL B 63 -5.49 20.93 11.12
N LYS B 64 -5.29 22.14 10.63
CA LYS B 64 -5.32 23.30 11.49
C LYS B 64 -6.70 23.35 12.13
N GLY B 65 -6.76 23.58 13.44
CA GLY B 65 -8.02 23.66 14.13
C GLY B 65 -8.61 22.32 14.56
N ARG B 66 -7.94 21.23 14.22
CA ARG B 66 -8.42 19.90 14.58
C ARG B 66 -7.37 19.12 15.36
N PHE B 67 -6.12 19.25 14.92
CA PHE B 67 -4.99 18.58 15.56
C PHE B 67 -4.17 19.57 16.37
N THR B 68 -3.72 19.15 17.54
CA THR B 68 -2.90 20.01 18.38
C THR B 68 -1.64 19.23 18.75
N ILE B 69 -0.49 19.80 18.44
CA ILE B 69 0.78 19.15 18.75
C ILE B 69 1.34 19.82 20.01
N SER B 70 1.78 19.02 20.96
CA SER B 70 2.34 19.57 22.19
C SER B 70 3.51 18.75 22.70
N SER B 71 4.31 19.34 23.57
CA SER B 71 5.48 18.65 24.10
C SER B 71 5.72 18.88 25.59
N ASP B 72 6.07 17.81 26.29
CA ASP B 72 6.39 17.89 27.71
C ASP B 72 7.91 17.84 27.79
N TYR B 73 8.54 19.00 27.67
CA TYR B 73 10.00 19.08 27.70
C TYR B 73 10.62 18.61 29.00
N ALA B 74 9.78 18.38 30.01
CA ALA B 74 10.26 17.90 31.30
C ALA B 74 10.39 16.38 31.26
N ARG B 75 9.38 15.72 30.70
CA ARG B 75 9.37 14.28 30.58
C ARG B 75 9.85 13.81 29.21
N ASN B 76 9.93 14.76 28.28
CA ASN B 76 10.35 14.46 26.92
C ASN B 76 9.40 13.50 26.23
N ILE B 77 8.15 13.94 26.09
CA ILE B 77 7.09 13.17 25.46
C ILE B 77 6.38 14.08 24.46
N LEU B 78 6.21 13.61 23.23
CA LEU B 78 5.54 14.37 22.19
C LEU B 78 4.10 13.90 22.07
N TYR B 79 3.19 14.83 21.89
CA TYR B 79 1.77 14.48 21.77
C TYR B 79 1.13 15.02 20.49
N LEU B 80 0.12 14.31 20.03
CA LEU B 80 -0.67 14.74 18.88
C LEU B 80 -2.10 14.48 19.28
N GLN B 81 -2.81 15.55 19.63
CA GLN B 81 -4.22 15.42 20.00
C GLN B 81 -5.05 15.64 18.75
N MET B 82 -5.69 14.57 18.28
CA MET B 82 -6.53 14.66 17.10
C MET B 82 -7.99 14.76 17.49
N SER B 83 -8.64 15.82 17.01
CA SER B 83 -10.06 16.04 17.29
C SER B 83 -10.76 16.32 15.98
N THR B 84 -12.09 16.20 15.97
CA THR B 84 -12.86 16.46 14.77
C THR B 84 -12.32 15.58 13.65
N LEU B 85 -11.90 14.37 14.00
CA LEU B 85 -11.33 13.42 13.05
C LEU B 85 -12.21 13.12 11.84
N ARG B 86 -11.58 13.15 10.66
CA ARG B 86 -12.26 12.89 9.40
C ARG B 86 -11.75 11.59 8.79
N SER B 87 -12.48 11.07 7.81
CA SER B 87 -12.10 9.84 7.14
C SER B 87 -10.72 9.98 6.50
N GLU B 88 -10.47 11.15 5.91
CA GLU B 88 -9.21 11.42 5.23
C GLU B 88 -8.02 11.41 6.18
N ASP B 89 -8.28 11.36 7.49
CA ASP B 89 -7.20 11.33 8.48
C ASP B 89 -6.68 9.91 8.69
N THR B 90 -7.39 8.93 8.14
CA THR B 90 -6.98 7.54 8.26
C THR B 90 -5.59 7.42 7.66
N ALA B 91 -4.66 6.84 8.40
CA ALA B 91 -3.29 6.69 7.92
C ALA B 91 -2.37 6.10 8.97
N MET B 92 -1.12 5.89 8.58
CA MET B 92 -0.09 5.38 9.48
C MET B 92 0.66 6.64 9.93
N TYR B 93 0.66 6.90 11.23
CA TYR B 93 1.33 8.07 11.77
C TYR B 93 2.70 7.76 12.34
N TYR B 94 3.63 8.71 12.20
CA TYR B 94 4.99 8.59 12.71
C TYR B 94 5.43 9.89 13.37
N CYS B 95 6.14 9.76 14.49
CA CYS B 95 6.69 10.91 15.17
C CYS B 95 8.17 10.85 14.78
N SER B 96 8.83 12.00 14.69
CA SER B 96 10.24 12.03 14.33
C SER B 96 10.87 13.30 14.86
N ARG B 97 12.18 13.28 15.09
CA ARG B 97 12.85 14.48 15.57
C ARG B 97 13.56 15.17 14.40
N GLY B 98 13.30 16.45 14.24
CA GLY B 98 13.91 17.19 13.17
C GLY B 98 15.07 18.04 13.65
N ASP B 99 16.21 17.92 12.99
CA ASP B 99 17.39 18.70 13.33
C ASP B 99 17.04 20.14 12.97
N ALA B 100 17.11 21.04 13.94
CA ALA B 100 16.76 22.43 13.71
C ALA B 100 17.77 23.17 12.84
N TYR B 101 18.99 22.64 12.78
CA TYR B 101 20.05 23.27 11.99
C TYR B 101 20.08 22.83 10.53
N SER B 102 19.95 21.54 10.28
CA SER B 102 19.97 21.04 8.91
C SER B 102 18.59 20.69 8.36
N ARG B 103 17.59 20.69 9.23
CA ARG B 103 16.21 20.43 8.85
C ARG B 103 15.91 19.06 8.25
N TYR B 104 16.57 18.02 8.77
CA TYR B 104 16.33 16.66 8.33
C TYR B 104 15.75 15.89 9.51
N PHE B 105 15.21 14.69 9.24
CA PHE B 105 14.63 13.87 10.28
C PHE B 105 15.31 12.52 10.31
N ASP B 106 16.14 12.30 11.33
CA ASP B 106 16.92 11.08 11.46
C ASP B 106 16.32 9.95 12.33
N VAL B 107 15.68 10.31 13.43
CA VAL B 107 15.08 9.30 14.30
C VAL B 107 13.56 9.31 14.12
N TRP B 108 13.01 8.12 13.86
CA TRP B 108 11.57 7.97 13.66
C TRP B 108 10.95 6.92 14.56
N GLY B 109 9.72 7.15 14.97
CA GLY B 109 9.03 6.17 15.78
C GLY B 109 8.45 5.16 14.81
N ALA B 110 8.08 3.98 15.30
CA ALA B 110 7.48 2.98 14.43
C ALA B 110 6.10 3.52 14.05
N GLY B 111 5.59 3.10 12.91
CA GLY B 111 4.28 3.58 12.48
C GLY B 111 3.13 3.23 13.41
N THR B 112 2.21 4.17 13.59
CA THR B 112 1.04 4.00 14.44
C THR B 112 -0.22 4.09 13.58
N THR B 113 -1.02 3.03 13.57
CA THR B 113 -2.22 3.02 12.75
C THR B 113 -3.40 3.75 13.37
N VAL B 114 -3.98 4.66 12.59
CA VAL B 114 -5.15 5.42 13.00
C VAL B 114 -6.21 5.23 11.92
N THR B 115 -7.37 4.71 12.31
CA THR B 115 -8.45 4.49 11.36
C THR B 115 -9.70 5.24 11.79
N VAL B 116 -10.24 6.04 10.89
CA VAL B 116 -11.45 6.81 11.15
C VAL B 116 -12.56 6.20 10.31
N SER B 117 -13.53 5.59 10.97
CA SER B 117 -14.64 4.96 10.26
C SER B 117 -15.86 4.81 11.16
N ALA B 118 -17.03 4.74 10.55
CA ALA B 118 -18.28 4.58 11.29
C ALA B 118 -18.55 3.08 11.47
N ALA B 119 -17.82 2.27 10.72
CA ALA B 119 -17.99 0.81 10.76
C ALA B 119 -17.85 0.20 12.15
N LYS B 120 -18.54 -0.91 12.39
CA LYS B 120 -18.47 -1.64 13.65
C LYS B 120 -17.85 -2.99 13.32
N THR B 121 -17.27 -3.66 14.32
CA THR B 121 -16.65 -4.96 14.08
C THR B 121 -17.61 -5.87 13.33
N THR B 122 -17.14 -6.38 12.20
CA THR B 122 -17.95 -7.23 11.34
C THR B 122 -17.12 -8.39 10.80
N ALA B 123 -17.56 -9.62 11.05
CA ALA B 123 -16.83 -10.80 10.56
C ALA B 123 -17.02 -10.93 9.05
N PRO B 124 -15.99 -11.40 8.34
CA PRO B 124 -16.09 -11.56 6.90
C PRO B 124 -16.92 -12.74 6.42
N SER B 125 -17.45 -12.62 5.21
CA SER B 125 -18.18 -13.69 4.56
C SER B 125 -17.08 -14.26 3.68
N VAL B 126 -16.90 -15.57 3.73
CA VAL B 126 -15.85 -16.20 2.94
C VAL B 126 -16.51 -17.03 1.85
N TYR B 127 -16.26 -16.66 0.59
CA TYR B 127 -16.86 -17.37 -0.52
C TYR B 127 -15.84 -18.15 -1.33
N PRO B 128 -16.13 -19.43 -1.63
CA PRO B 128 -15.20 -20.23 -2.41
C PRO B 128 -15.28 -19.84 -3.89
N LEU B 129 -14.15 -19.86 -4.59
CA LEU B 129 -14.13 -19.52 -6.00
C LEU B 129 -13.68 -20.73 -6.81
N ALA B 130 -14.64 -21.43 -7.41
CA ALA B 130 -14.34 -22.62 -8.20
C ALA B 130 -14.24 -22.24 -9.68
N PRO B 131 -13.30 -22.87 -10.41
CA PRO B 131 -13.10 -22.61 -11.84
C PRO B 131 -14.37 -22.78 -12.67
N VAL B 132 -14.47 -22.06 -13.78
CA VAL B 132 -15.63 -22.18 -14.64
C VAL B 132 -15.49 -23.49 -15.40
N CYS B 133 -16.60 -24.06 -15.84
CA CYS B 133 -16.58 -25.32 -16.57
C CYS B 133 -15.66 -25.19 -17.79
N GLY B 134 -14.86 -26.22 -18.02
CA GLY B 134 -13.97 -26.20 -19.17
C GLY B 134 -12.62 -25.56 -18.91
N ASP B 135 -12.40 -25.13 -17.67
CA ASP B 135 -11.14 -24.52 -17.29
C ASP B 135 -10.46 -25.30 -16.15
N THR B 136 -11.11 -26.37 -15.73
CA THR B 136 -10.59 -27.22 -14.67
C THR B 136 -9.53 -28.13 -15.30
N THR B 137 -9.39 -27.99 -16.62
CA THR B 137 -8.43 -28.76 -17.39
C THR B 137 -7.06 -28.06 -17.37
N GLY B 138 -6.25 -28.33 -18.38
CA GLY B 138 -4.93 -27.71 -18.45
C GLY B 138 -3.96 -28.34 -17.48
N SER B 139 -2.68 -28.02 -17.64
CA SER B 139 -1.64 -28.58 -16.78
C SER B 139 -1.81 -28.11 -15.33
N SER B 140 -2.46 -26.98 -15.16
CA SER B 140 -2.68 -26.43 -13.83
C SER B 140 -4.07 -25.79 -13.72
N VAL B 141 -4.57 -25.70 -12.50
CA VAL B 141 -5.87 -25.11 -12.26
C VAL B 141 -5.72 -24.07 -11.16
N THR B 142 -6.51 -23.01 -11.25
CA THR B 142 -6.44 -21.94 -10.24
C THR B 142 -7.75 -21.87 -9.48
N LEU B 143 -7.65 -21.84 -8.16
CA LEU B 143 -8.83 -21.74 -7.31
C LEU B 143 -8.73 -20.42 -6.57
N GLY B 144 -9.84 -19.98 -6.00
CA GLY B 144 -9.79 -18.71 -5.30
C GLY B 144 -10.68 -18.66 -4.08
N CYS B 145 -10.51 -17.57 -3.34
CA CYS B 145 -11.25 -17.33 -2.12
C CYS B 145 -11.54 -15.83 -2.05
N LEU B 146 -12.81 -15.49 -1.86
CA LEU B 146 -13.21 -14.09 -1.74
C LEU B 146 -13.62 -13.83 -0.28
N VAL B 147 -12.94 -12.90 0.36
CA VAL B 147 -13.22 -12.53 1.76
C VAL B 147 -13.84 -11.16 1.72
N LYS B 148 -15.15 -11.10 1.95
CA LYS B 148 -15.89 -9.85 1.80
C LYS B 148 -16.68 -9.30 2.98
N GLY B 149 -16.64 -7.97 3.09
CA GLY B 149 -17.37 -7.25 4.12
C GLY B 149 -16.94 -7.38 5.57
N TYR B 150 -15.64 -7.24 5.85
CA TYR B 150 -15.19 -7.35 7.24
C TYR B 150 -14.64 -6.03 7.75
N PHE B 151 -14.57 -5.93 9.07
CA PHE B 151 -14.03 -4.74 9.71
C PHE B 151 -13.70 -5.08 11.15
N PRO B 152 -12.53 -4.62 11.62
CA PRO B 152 -11.53 -3.83 10.89
C PRO B 152 -10.52 -4.81 10.32
N GLU B 153 -9.42 -4.28 9.78
CA GLU B 153 -8.35 -5.14 9.30
C GLU B 153 -7.63 -5.57 10.56
N PRO B 154 -6.88 -6.68 10.50
CA PRO B 154 -6.73 -7.49 9.30
C PRO B 154 -7.34 -8.87 9.47
N VAL B 155 -7.13 -9.71 8.47
CA VAL B 155 -7.57 -11.10 8.48
C VAL B 155 -6.31 -11.85 8.09
N THR B 156 -6.24 -13.14 8.42
CA THR B 156 -5.09 -13.95 8.04
C THR B 156 -5.70 -15.06 7.20
N LEU B 157 -5.12 -15.30 6.03
CA LEU B 157 -5.65 -16.34 5.17
C LEU B 157 -4.57 -17.33 4.77
N THR B 158 -4.93 -18.61 4.77
CA THR B 158 -4.00 -19.65 4.36
C THR B 158 -4.77 -20.64 3.49
N TRP B 159 -4.03 -21.53 2.84
CA TRP B 159 -4.63 -22.57 2.01
C TRP B 159 -4.18 -23.89 2.61
N ASN B 160 -5.13 -24.80 2.81
CA ASN B 160 -4.82 -26.11 3.38
C ASN B 160 -4.03 -25.98 4.67
N SER B 161 -4.44 -25.02 5.49
CA SER B 161 -3.82 -24.76 6.78
C SER B 161 -2.31 -24.54 6.70
N GLY B 162 -1.87 -23.94 5.59
CA GLY B 162 -0.46 -23.67 5.43
C GLY B 162 0.33 -24.66 4.60
N SER B 163 -0.23 -25.85 4.37
CA SER B 163 0.45 -26.86 3.58
C SER B 163 0.66 -26.38 2.15
N LEU B 164 -0.28 -25.57 1.68
CA LEU B 164 -0.20 -25.03 0.33
C LEU B 164 0.25 -23.58 0.48
N SER B 165 1.55 -23.36 0.32
CA SER B 165 2.13 -22.03 0.47
C SER B 165 2.66 -21.47 -0.84
N SER B 166 3.02 -22.36 -1.75
CA SER B 166 3.55 -21.94 -3.05
C SER B 166 2.43 -21.73 -4.05
N GLY B 167 2.65 -20.80 -4.98
CA GLY B 167 1.66 -20.53 -6.01
C GLY B 167 0.43 -19.80 -5.50
N VAL B 168 0.57 -19.11 -4.38
CA VAL B 168 -0.53 -18.36 -3.79
C VAL B 168 -0.33 -16.87 -3.98
N HIS B 169 -1.43 -16.16 -4.18
CA HIS B 169 -1.41 -14.72 -4.31
C HIS B 169 -2.58 -14.20 -3.49
N THR B 170 -2.29 -13.60 -2.34
CA THR B 170 -3.35 -13.04 -1.50
C THR B 170 -3.16 -11.54 -1.67
N PHE B 171 -4.19 -10.89 -2.20
CA PHE B 171 -4.14 -9.47 -2.50
C PHE B 171 -4.46 -8.52 -1.37
N PRO B 172 -3.96 -7.27 -1.46
CA PRO B 172 -4.22 -6.28 -0.41
C PRO B 172 -5.72 -5.99 -0.35
N ALA B 173 -6.24 -5.76 0.85
CA ALA B 173 -7.66 -5.48 0.99
C ALA B 173 -8.00 -4.11 0.42
N VAL B 174 -9.26 -3.95 0.01
CA VAL B 174 -9.75 -2.69 -0.52
C VAL B 174 -11.06 -2.36 0.17
N LEU B 175 -11.40 -1.08 0.24
CA LEU B 175 -12.64 -0.67 0.88
C LEU B 175 -13.81 -0.62 -0.10
N GLN B 176 -14.99 -0.99 0.40
CA GLN B 176 -16.22 -0.96 -0.40
C GLN B 176 -17.38 -1.04 0.58
N SER B 177 -18.21 0.01 0.59
CA SER B 177 -19.34 0.08 1.49
C SER B 177 -18.81 0.15 2.93
N ASP B 178 -17.69 0.85 3.09
CA ASP B 178 -17.04 1.04 4.38
C ASP B 178 -16.48 -0.21 5.03
N LEU B 179 -16.53 -1.33 4.31
CA LEU B 179 -16.00 -2.58 4.84
C LEU B 179 -14.88 -3.05 3.91
N TYR B 180 -14.01 -3.90 4.43
CA TYR B 180 -12.89 -4.40 3.62
C TYR B 180 -13.22 -5.66 2.86
N THR B 181 -12.55 -5.82 1.72
CA THR B 181 -12.71 -7.00 0.90
C THR B 181 -11.34 -7.38 0.37
N LEU B 182 -11.04 -8.67 0.44
CA LEU B 182 -9.75 -9.17 0.01
C LEU B 182 -9.99 -10.46 -0.76
N SER B 183 -9.02 -10.87 -1.56
CA SER B 183 -9.16 -12.11 -2.32
C SER B 183 -7.82 -12.82 -2.36
N SER B 184 -7.84 -14.11 -2.64
CA SER B 184 -6.61 -14.90 -2.72
C SER B 184 -6.80 -15.97 -3.76
N SER B 185 -5.75 -16.26 -4.52
CA SER B 185 -5.80 -17.30 -5.54
C SER B 185 -4.70 -18.31 -5.24
N VAL B 186 -4.93 -19.56 -5.63
CA VAL B 186 -3.94 -20.60 -5.46
C VAL B 186 -3.97 -21.42 -6.73
N THR B 187 -2.78 -21.74 -7.24
CA THR B 187 -2.64 -22.50 -8.47
C THR B 187 -1.95 -23.82 -8.17
N VAL B 188 -2.54 -24.93 -8.63
CA VAL B 188 -1.97 -26.27 -8.43
C VAL B 188 -2.08 -27.07 -9.71
N THR B 189 -1.38 -28.20 -9.77
CA THR B 189 -1.43 -29.06 -10.94
C THR B 189 -2.85 -29.64 -11.04
N SER B 190 -3.35 -29.73 -12.27
CA SER B 190 -4.70 -30.23 -12.51
C SER B 190 -4.96 -31.60 -11.88
N SER B 191 -3.87 -32.32 -11.61
CA SER B 191 -3.96 -33.64 -11.00
C SER B 191 -4.48 -33.56 -9.56
N THR B 192 -3.88 -32.67 -8.77
CA THR B 192 -4.27 -32.49 -7.37
C THR B 192 -5.78 -32.38 -7.21
N TRP B 193 -6.30 -31.21 -7.55
CA TRP B 193 -7.72 -30.92 -7.46
C TRP B 193 -8.39 -31.55 -8.66
N PRO B 194 -9.67 -31.94 -8.54
CA PRO B 194 -10.55 -31.87 -7.36
C PRO B 194 -10.43 -33.08 -6.44
N SER B 195 -9.98 -34.19 -7.03
CA SER B 195 -9.81 -35.44 -6.31
C SER B 195 -9.27 -35.18 -4.91
N GLN B 196 -8.29 -34.27 -4.82
CA GLN B 196 -7.71 -33.91 -3.52
C GLN B 196 -8.37 -32.62 -3.05
N SER B 197 -8.43 -32.42 -1.74
CA SER B 197 -9.09 -31.25 -1.18
C SER B 197 -8.23 -29.98 -1.06
N ILE B 198 -8.86 -28.85 -1.35
CA ILE B 198 -8.21 -27.55 -1.24
C ILE B 198 -9.19 -26.68 -0.44
N THR B 199 -8.70 -26.15 0.66
CA THR B 199 -9.54 -25.35 1.55
C THR B 199 -8.92 -24.00 1.86
N CYS B 200 -9.77 -22.99 1.93
CA CYS B 200 -9.37 -21.62 2.24
C CYS B 200 -9.64 -21.41 3.72
N ASN B 201 -8.64 -20.97 4.48
CA ASN B 201 -8.81 -20.75 5.92
C ASN B 201 -8.66 -19.27 6.25
N VAL B 202 -9.72 -18.69 6.79
CA VAL B 202 -9.70 -17.26 7.12
C VAL B 202 -9.94 -16.94 8.59
N ALA B 203 -8.96 -16.27 9.20
CA ALA B 203 -9.06 -15.87 10.59
C ALA B 203 -9.23 -14.36 10.68
N HIS B 204 -10.18 -13.92 11.51
CA HIS B 204 -10.42 -12.49 11.73
C HIS B 204 -10.40 -12.28 13.23
N PRO B 205 -9.22 -12.00 13.81
CA PRO B 205 -9.10 -11.79 15.26
C PRO B 205 -10.08 -10.81 15.89
N ALA B 206 -10.34 -9.70 15.23
CA ALA B 206 -11.25 -8.69 15.78
C ALA B 206 -12.61 -9.25 16.19
N SER B 207 -13.10 -10.25 15.46
CA SER B 207 -14.39 -10.85 15.74
C SER B 207 -14.28 -12.27 16.29
N SER B 208 -13.06 -12.70 16.61
CA SER B 208 -12.83 -14.04 17.14
C SER B 208 -13.45 -15.12 16.24
N THR B 209 -13.39 -14.91 14.93
CA THR B 209 -13.96 -15.87 14.00
C THR B 209 -12.89 -16.54 13.14
N LYS B 210 -13.11 -17.83 12.86
CA LYS B 210 -12.21 -18.60 12.02
C LYS B 210 -13.12 -19.38 11.10
N VAL B 211 -13.06 -19.07 9.82
CA VAL B 211 -13.90 -19.73 8.82
C VAL B 211 -13.07 -20.52 7.82
N ASP B 212 -13.52 -21.72 7.51
CA ASP B 212 -12.85 -22.57 6.54
C ASP B 212 -13.81 -22.84 5.40
N LYS B 213 -13.34 -22.71 4.17
CA LYS B 213 -14.20 -22.96 3.03
C LYS B 213 -13.51 -23.88 2.04
N LYS B 214 -14.12 -25.03 1.79
CA LYS B 214 -13.57 -26.00 0.85
C LYS B 214 -13.97 -25.57 -0.56
N ILE B 215 -13.04 -25.70 -1.50
CA ILE B 215 -13.33 -25.33 -2.86
C ILE B 215 -13.77 -26.59 -3.58
N GLU B 216 -15.05 -26.66 -3.93
CA GLU B 216 -15.57 -27.83 -4.60
C GLU B 216 -16.14 -27.48 -5.97
N PRO B 217 -16.00 -28.41 -6.93
CA PRO B 217 -16.50 -28.19 -8.29
C PRO B 217 -18.02 -28.00 -8.29
O OH C . 9.94 27.91 13.03
C1 HBC D . 9.57 24.68 11.47
C2 HBC D . 9.08 23.33 11.42
C3 HBC D . 8.08 22.95 10.49
C4 HBC D . 7.55 23.91 9.59
C5 HBC D . 8.02 25.25 9.62
C6 HBC D . 9.03 25.62 10.54
C7 HBC D . 12.80 26.39 13.48
C8 HBC D . 14.01 27.39 13.28
C9 HBC D . 15.03 26.63 12.45
C10 HBC D . 14.36 25.26 12.31
C11 HBC D . 13.70 25.14 13.69
C12 HBC D . 13.13 25.17 11.34
C13 HBC D . 11.97 25.93 12.16
N1 HBC D . 11.51 27.17 11.42
C14 HBC D . 10.67 25.02 12.50
O1 HBC D . 10.55 24.55 13.64
C15 HBC D . 12.29 23.70 9.39
C16 HBC D . 12.88 23.75 10.68
C17 HBC D . 13.22 22.51 11.32
C18 HBC D . 12.97 21.26 10.68
C19 HBC D . 12.38 21.24 9.40
C20 HBC D . 12.02 22.46 8.74
#